data_1IF2
#
_entry.id   1IF2
#
_cell.length_a   99.234
_cell.length_b   52.825
_cell.length_c   58.937
_cell.angle_alpha   90.00
_cell.angle_beta   118.03
_cell.angle_gamma   90.00
#
_symmetry.space_group_name_H-M   'C 1 2 1'
#
loop_
_entity.id
_entity.type
_entity.pdbx_description
1 polymer 'TRIOSEPHOSPHATE ISOMERASE'
2 non-polymer '[2(FORMYL-HYDROXY-AMINO)-ETHYL]-PHOSPHONIC ACID'
3 water water
#
_entity_poly.entity_id   1
_entity_poly.type   'polypeptide(L)'
_entity_poly.pdbx_seq_one_letter_code
;MSAKPQPIAAANWKCNGTTASIEKLVQVFNEHTISHDVQCVVAPTFVHIPLVQAKLRNPKYVISAQNAIAKSGAFTGEVS
MPILKDIGVHWVILGHSERRTYYGETDEIVAQKVSEACKQGFMVIACIGETLQQREANQTAKVVLSQTSAIAAKLTKDAW
NQVVLAYEPVWAIGTGKVATPEQAQEVHLLLRKWVSENIGTDVAAKLRILYGGSVNAANAATLYAKPDINGFLVGGASLK
PEFRDIIDATR
;
_entity_poly.pdbx_strand_id   A
#
# COMPACT_ATOMS: atom_id res chain seq x y z
N ALA A 3 -6.63 0.98 -21.02
CA ALA A 3 -5.56 0.07 -20.53
C ALA A 3 -5.34 0.32 -19.04
N LYS A 4 -4.86 -0.65 -18.27
CA LYS A 4 -4.62 -0.37 -16.85
C LYS A 4 -3.34 0.44 -16.73
N PRO A 5 -3.22 1.25 -15.67
CA PRO A 5 -1.96 1.86 -15.34
C PRO A 5 -0.94 0.80 -14.93
N GLN A 6 0.29 1.19 -14.63
CA GLN A 6 1.31 0.23 -14.17
C GLN A 6 0.92 -0.33 -12.82
N PRO A 7 0.90 -1.65 -12.72
CA PRO A 7 0.54 -2.31 -11.47
C PRO A 7 1.63 -2.22 -10.43
N ILE A 8 1.25 -2.42 -9.18
CA ILE A 8 2.20 -2.44 -8.08
C ILE A 8 2.05 -3.73 -7.28
N ALA A 9 3.14 -4.36 -6.88
CA ALA A 9 3.05 -5.54 -6.00
C ALA A 9 3.81 -5.11 -4.74
N ALA A 10 3.13 -4.84 -3.62
CA ALA A 10 3.85 -4.29 -2.48
C ALA A 10 3.89 -5.29 -1.31
N ALA A 11 5.07 -5.51 -0.77
CA ALA A 11 5.27 -6.41 0.36
C ALA A 11 5.37 -5.58 1.64
N ASN A 12 4.43 -5.78 2.57
CA ASN A 12 4.49 -5.10 3.86
C ASN A 12 4.90 -6.20 4.86
N TRP A 13 6.18 -6.13 5.29
CA TRP A 13 6.65 -7.12 6.27
C TRP A 13 6.19 -6.86 7.69
N LYS A 14 5.47 -5.76 7.93
CA LYS A 14 4.95 -5.45 9.28
C LYS A 14 6.07 -5.52 10.29
N CYS A 15 5.86 -6.09 11.47
CA CYS A 15 6.94 -6.11 12.49
C CYS A 15 7.51 -7.52 12.56
N ASN A 16 8.19 -7.92 11.49
CA ASN A 16 8.72 -9.27 11.40
C ASN A 16 10.08 -9.31 10.72
N GLY A 17 10.81 -10.39 10.95
CA GLY A 17 12.11 -10.54 10.30
C GLY A 17 13.29 -10.65 11.25
N THR A 18 14.30 -11.37 10.78
CA THR A 18 15.61 -11.39 11.44
C THR A 18 16.59 -11.07 10.33
N THR A 19 17.85 -10.77 10.65
CA THR A 19 18.82 -10.51 9.60
C THR A 19 18.99 -11.76 8.74
N ALA A 20 19.05 -12.93 9.34
CA ALA A 20 19.22 -14.19 8.60
C ALA A 20 18.05 -14.46 7.65
N SER A 21 16.82 -14.30 8.16
CA SER A 21 15.67 -14.61 7.30
C SER A 21 15.50 -13.55 6.21
N ILE A 22 15.85 -12.30 6.50
CA ILE A 22 15.74 -11.26 5.45
C ILE A 22 16.80 -11.45 4.39
N GLU A 23 18.03 -11.82 4.79
CA GLU A 23 19.07 -12.05 3.77
C GLU A 23 18.66 -13.16 2.79
N LYS A 24 18.14 -14.26 3.27
CA LYS A 24 17.65 -15.32 2.40
C LYS A 24 16.51 -14.89 1.49
N LEU A 25 15.49 -14.23 2.06
CA LEU A 25 14.35 -13.83 1.21
C LEU A 25 14.73 -12.84 0.14
N VAL A 26 15.60 -11.87 0.48
CA VAL A 26 16.03 -10.87 -0.49
C VAL A 26 16.79 -11.56 -1.63
N GLN A 27 17.57 -12.60 -1.35
CA GLN A 27 18.28 -13.32 -2.43
C GLN A 27 17.27 -14.00 -3.37
N VAL A 28 16.19 -14.53 -2.79
CA VAL A 28 15.10 -15.12 -3.57
C VAL A 28 14.50 -14.03 -4.46
N PHE A 29 14.29 -12.83 -3.94
CA PHE A 29 13.72 -11.77 -4.79
C PHE A 29 14.70 -11.37 -5.87
N ASN A 30 15.98 -11.25 -5.54
CA ASN A 30 17.00 -10.89 -6.50
C ASN A 30 17.11 -11.89 -7.67
N GLU A 31 16.93 -13.17 -7.42
CA GLU A 31 17.13 -14.16 -8.49
C GLU A 31 15.89 -14.35 -9.34
N HIS A 32 14.75 -13.81 -8.95
CA HIS A 32 13.53 -13.85 -9.74
C HIS A 32 13.55 -12.71 -10.77
N THR A 33 13.61 -13.10 -12.03
CA THR A 33 13.61 -12.18 -13.15
C THR A 33 12.19 -11.79 -13.52
N ILE A 34 11.94 -10.48 -13.52
CA ILE A 34 10.57 -10.01 -13.76
C ILE A 34 10.54 -9.43 -15.17
N SER A 35 9.67 -9.98 -16.02
CA SER A 35 9.73 -9.53 -17.41
C SER A 35 8.59 -8.63 -17.84
N HIS A 36 7.78 -8.12 -16.91
CA HIS A 36 6.73 -7.21 -17.36
C HIS A 36 6.86 -5.91 -16.56
N ASP A 37 6.13 -4.88 -16.94
CA ASP A 37 6.23 -3.59 -16.28
C ASP A 37 5.41 -3.61 -15.00
N VAL A 38 6.09 -3.64 -13.87
CA VAL A 38 5.37 -3.62 -12.56
C VAL A 38 6.32 -2.92 -11.61
N GLN A 39 5.78 -2.16 -10.67
CA GLN A 39 6.65 -1.59 -9.65
C GLN A 39 6.53 -2.50 -8.42
N CYS A 40 7.63 -3.08 -7.98
CA CYS A 40 7.61 -3.90 -6.78
C CYS A 40 8.06 -3.03 -5.61
N VAL A 41 7.48 -3.24 -4.44
CA VAL A 41 7.74 -2.40 -3.27
C VAL A 41 8.00 -3.33 -2.07
N VAL A 42 9.06 -3.07 -1.31
CA VAL A 42 9.24 -3.87 -0.09
C VAL A 42 9.25 -2.86 1.06
N ALA A 43 8.47 -3.17 2.09
CA ALA A 43 8.47 -2.32 3.30
C ALA A 43 8.88 -3.14 4.51
N PRO A 44 10.13 -3.03 4.95
CA PRO A 44 10.64 -3.71 6.11
C PRO A 44 10.51 -2.77 7.34
N THR A 45 10.82 -3.32 8.52
CA THR A 45 10.80 -2.48 9.73
C THR A 45 11.87 -1.42 9.56
N PHE A 46 11.81 -0.33 10.33
CA PHE A 46 12.82 0.70 10.20
C PHE A 46 14.25 0.22 10.43
N VAL A 47 14.48 -0.71 11.39
CA VAL A 47 15.84 -1.11 11.64
C VAL A 47 16.46 -1.97 10.54
N HIS A 48 15.63 -2.53 9.67
CA HIS A 48 16.08 -3.35 8.56
C HIS A 48 16.21 -2.60 7.24
N ILE A 49 15.82 -1.33 7.19
CA ILE A 49 15.96 -0.58 5.94
C ILE A 49 17.39 -0.64 5.42
N PRO A 50 18.40 -0.33 6.21
CA PRO A 50 19.78 -0.34 5.73
C PRO A 50 20.21 -1.68 5.20
N LEU A 51 19.85 -2.76 5.88
CA LEU A 51 20.20 -4.10 5.40
C LEU A 51 19.59 -4.41 4.06
N VAL A 52 18.29 -4.10 3.89
CA VAL A 52 17.61 -4.31 2.63
C VAL A 52 18.16 -3.43 1.52
N GLN A 53 18.52 -2.18 1.84
CA GLN A 53 19.16 -1.30 0.87
C GLN A 53 20.49 -1.88 0.37
N ALA A 54 21.23 -2.51 1.27
CA ALA A 54 22.53 -3.06 0.90
C ALA A 54 22.40 -4.35 0.09
N LYS A 55 21.34 -5.16 0.25
CA LYS A 55 21.30 -6.43 -0.44
C LYS A 55 20.36 -6.53 -1.64
N LEU A 56 19.33 -5.70 -1.64
CA LEU A 56 18.27 -5.82 -2.67
C LEU A 56 18.82 -5.23 -3.96
N ARG A 57 18.86 -6.01 -5.04
CA ARG A 57 19.43 -5.55 -6.29
C ARG A 57 18.47 -5.61 -7.47
N ASN A 58 17.36 -6.30 -7.31
CA ASN A 58 16.36 -6.41 -8.38
C ASN A 58 15.89 -5.03 -8.77
N PRO A 59 16.10 -4.63 -10.02
CA PRO A 59 15.77 -3.31 -10.51
C PRO A 59 14.31 -2.93 -10.54
N LYS A 60 13.37 -3.89 -10.45
CA LYS A 60 11.95 -3.52 -10.39
C LYS A 60 11.50 -3.12 -8.97
N TYR A 61 12.38 -3.19 -7.98
CA TYR A 61 11.95 -2.89 -6.60
C TYR A 61 12.33 -1.52 -6.06
N VAL A 62 11.50 -0.97 -5.15
CA VAL A 62 11.88 0.24 -4.40
C VAL A 62 11.63 -0.09 -2.94
N ILE A 63 12.21 0.63 -1.99
CA ILE A 63 11.98 0.30 -0.58
C ILE A 63 11.05 1.33 0.01
N SER A 64 10.14 0.91 0.88
CA SER A 64 9.21 1.87 1.49
C SER A 64 9.28 1.75 3.00
N ALA A 65 8.99 2.86 3.70
CA ALA A 65 8.88 2.77 5.16
C ALA A 65 7.42 2.33 5.45
N GLN A 66 7.19 1.72 6.61
CA GLN A 66 5.85 1.28 7.00
C GLN A 66 5.05 2.38 7.67
N ASN A 67 5.68 3.50 8.00
CA ASN A 67 5.01 4.60 8.69
C ASN A 67 6.02 5.75 8.78
N ALA A 68 5.58 6.96 9.10
CA ALA A 68 6.49 8.07 9.40
C ALA A 68 5.72 9.19 10.09
N ILE A 69 6.45 10.16 10.68
CA ILE A 69 5.78 11.41 11.10
C ILE A 69 6.28 12.49 10.14
N ALA A 70 5.60 13.60 10.04
CA ALA A 70 5.97 14.65 9.09
C ALA A 70 7.26 15.38 9.40
N LYS A 71 7.54 15.68 10.67
CA LYS A 71 8.72 16.54 10.92
C LYS A 71 9.67 16.00 11.98
N SER A 72 10.95 16.28 11.82
CA SER A 72 11.91 15.90 12.87
C SER A 72 11.71 16.72 14.13
N GLY A 73 12.20 16.24 15.28
CA GLY A 73 12.03 17.04 16.50
C GLY A 73 11.97 16.17 17.74
N ALA A 74 11.36 16.69 18.80
CA ALA A 74 11.28 15.97 20.08
C ALA A 74 10.15 14.97 20.09
N PHE A 75 10.32 13.86 19.34
CA PHE A 75 9.27 12.85 19.23
C PHE A 75 9.95 11.50 19.50
N THR A 76 10.23 11.25 20.77
CA THR A 76 10.98 10.01 21.08
C THR A 76 10.33 8.77 20.49
N GLY A 77 11.12 8.00 19.78
CA GLY A 77 10.66 6.72 19.26
C GLY A 77 10.18 6.77 17.83
N GLU A 78 9.89 7.92 17.24
CA GLU A 78 9.33 8.01 15.90
C GLU A 78 10.40 8.27 14.84
N VAL A 79 10.05 8.08 13.57
CA VAL A 79 10.98 8.37 12.46
C VAL A 79 10.27 9.37 11.55
N SER A 80 10.95 10.45 11.18
CA SER A 80 10.28 11.45 10.32
C SER A 80 10.59 11.33 8.84
N MET A 81 9.78 12.02 8.03
CA MET A 81 9.93 12.07 6.58
C MET A 81 11.23 12.62 6.07
N PRO A 82 11.77 13.69 6.65
CA PRO A 82 13.08 14.22 6.27
C PRO A 82 14.19 13.23 6.55
N ILE A 83 14.10 12.47 7.65
CA ILE A 83 15.11 11.45 7.97
C ILE A 83 15.06 10.31 6.96
N LEU A 84 13.86 9.88 6.57
CA LEU A 84 13.76 8.82 5.55
C LEU A 84 14.33 9.27 4.21
N LYS A 85 13.95 10.51 3.81
CA LYS A 85 14.45 11.03 2.54
C LYS A 85 15.97 11.05 2.53
N ASP A 86 16.56 11.54 3.63
CA ASP A 86 18.02 11.61 3.77
C ASP A 86 18.67 10.26 3.60
N ILE A 87 18.06 9.15 4.07
CA ILE A 87 18.68 7.85 3.82
C ILE A 87 18.23 7.18 2.51
N GLY A 88 17.52 7.86 1.64
CA GLY A 88 17.22 7.27 0.34
C GLY A 88 15.85 6.61 0.22
N VAL A 89 14.98 6.83 1.21
CA VAL A 89 13.67 6.16 1.14
C VAL A 89 12.63 7.18 0.72
N HIS A 90 11.90 6.94 -0.38
CA HIS A 90 10.95 8.00 -0.77
C HIS A 90 9.58 7.43 -1.11
N TRP A 91 9.27 6.30 -0.45
CA TRP A 91 7.96 5.68 -0.50
C TRP A 91 7.57 5.49 0.99
N VAL A 92 6.27 5.58 1.27
CA VAL A 92 5.84 5.31 2.64
C VAL A 92 4.41 4.78 2.59
N ILE A 93 4.10 3.86 3.49
CA ILE A 93 2.74 3.35 3.66
C ILE A 93 2.12 4.18 4.79
N LEU A 94 0.91 4.73 4.64
CA LEU A 94 0.29 5.50 5.69
C LEU A 94 -1.14 5.07 5.92
N GLY A 95 -1.59 5.19 7.16
CA GLY A 95 -2.98 4.88 7.51
C GLY A 95 -3.29 3.40 7.47
N HIS A 96 -2.29 2.54 7.71
CA HIS A 96 -2.60 1.10 7.74
C HIS A 96 -3.62 0.89 8.86
N SER A 97 -4.54 -0.06 8.64
CA SER A 97 -5.54 -0.42 9.63
C SER A 97 -5.01 -0.67 11.03
N GLU A 98 -3.82 -1.30 11.11
CA GLU A 98 -3.22 -1.58 12.42
C GLU A 98 -2.85 -0.28 13.13
N ARG A 99 -2.44 0.74 12.39
CA ARG A 99 -2.12 2.03 13.01
C ARG A 99 -3.38 2.80 13.39
N ARG A 100 -4.39 2.72 12.53
CA ARG A 100 -5.69 3.33 12.85
C ARG A 100 -6.34 2.67 14.07
N THR A 101 -6.17 1.36 14.26
CA THR A 101 -6.77 0.64 15.36
C THR A 101 -5.97 0.69 16.65
N TYR A 102 -4.69 0.34 16.62
CA TYR A 102 -3.94 0.30 17.86
C TYR A 102 -3.26 1.59 18.28
N TYR A 103 -2.87 2.41 17.30
CA TYR A 103 -1.99 3.53 17.64
C TYR A 103 -2.63 4.88 17.38
N GLY A 104 -3.96 4.94 17.41
CA GLY A 104 -4.70 6.18 17.38
C GLY A 104 -4.68 7.05 16.15
N GLU A 105 -4.43 6.50 14.96
CA GLU A 105 -4.44 7.38 13.78
C GLU A 105 -5.85 7.52 13.23
N THR A 106 -6.40 8.72 13.40
CA THR A 106 -7.74 9.04 12.93
C THR A 106 -7.69 9.44 11.46
N ASP A 107 -8.83 9.68 10.81
CA ASP A 107 -8.81 10.16 9.44
C ASP A 107 -8.02 11.47 9.35
N GLU A 108 -8.21 12.37 10.31
CA GLU A 108 -7.48 13.64 10.22
C GLU A 108 -5.97 13.45 10.32
N ILE A 109 -5.53 12.59 11.25
CA ILE A 109 -4.09 12.36 11.36
C ILE A 109 -3.56 11.75 10.06
N VAL A 110 -4.24 10.77 9.50
CA VAL A 110 -3.75 10.12 8.27
C VAL A 110 -3.74 11.15 7.16
N ALA A 111 -4.81 11.92 6.98
CA ALA A 111 -4.82 12.94 5.92
C ALA A 111 -3.68 13.95 6.08
N GLN A 112 -3.33 14.39 7.29
CA GLN A 112 -2.20 15.31 7.47
C GLN A 112 -0.88 14.62 7.11
N LYS A 113 -0.70 13.36 7.54
CA LYS A 113 0.54 12.67 7.16
C LYS A 113 0.61 12.54 5.65
N VAL A 114 -0.48 12.13 4.96
CA VAL A 114 -0.41 11.97 3.51
C VAL A 114 -0.07 13.29 2.81
N SER A 115 -0.71 14.35 3.26
CA SER A 115 -0.46 15.68 2.69
C SER A 115 1.01 16.05 2.82
N GLU A 116 1.58 15.89 4.03
CA GLU A 116 2.99 16.23 4.24
C GLU A 116 3.91 15.37 3.40
N ALA A 117 3.63 14.05 3.34
CA ALA A 117 4.44 13.16 2.52
C ALA A 117 4.43 13.63 1.06
N CYS A 118 3.26 13.98 0.53
CA CYS A 118 3.19 14.48 -0.84
C CYS A 118 4.03 15.76 -1.00
N LYS A 119 3.94 16.68 -0.06
CA LYS A 119 4.75 17.90 -0.12
C LYS A 119 6.24 17.61 -0.11
N GLN A 120 6.66 16.57 0.63
CA GLN A 120 8.08 16.25 0.67
C GLN A 120 8.52 15.31 -0.43
N GLY A 121 7.67 15.04 -1.42
CA GLY A 121 8.08 14.31 -2.60
C GLY A 121 7.98 12.79 -2.47
N PHE A 122 7.26 12.28 -1.47
CA PHE A 122 7.16 10.82 -1.36
C PHE A 122 6.09 10.30 -2.34
N MET A 123 6.21 9.01 -2.68
CA MET A 123 5.12 8.22 -3.23
C MET A 123 4.45 7.62 -1.98
N VAL A 124 3.13 7.72 -1.92
CA VAL A 124 2.46 7.28 -0.71
C VAL A 124 1.48 6.14 -1.06
N ILE A 125 1.48 5.14 -0.21
CA ILE A 125 0.44 4.09 -0.31
C ILE A 125 -0.48 4.39 0.87
N ALA A 126 -1.67 4.92 0.56
CA ALA A 126 -2.62 5.30 1.62
C ALA A 126 -3.68 4.21 1.79
N CYS A 127 -3.83 3.68 2.99
CA CYS A 127 -4.75 2.56 3.20
C CYS A 127 -6.11 2.99 3.74
N ILE A 128 -7.15 2.37 3.19
CA ILE A 128 -8.54 2.61 3.60
C ILE A 128 -9.26 1.25 3.65
N GLY A 129 -10.41 1.23 4.33
CA GLY A 129 -11.16 -0.03 4.40
C GLY A 129 -12.12 -0.07 5.57
N GLU A 130 -13.17 -0.87 5.42
CA GLU A 130 -14.23 -0.97 6.42
C GLU A 130 -14.06 -2.21 7.30
N THR A 131 -14.71 -2.16 8.45
CA THR A 131 -14.68 -3.31 9.37
C THR A 131 -15.83 -4.26 9.03
N LEU A 132 -15.87 -5.42 9.66
CA LEU A 132 -16.94 -6.38 9.42
C LEU A 132 -18.28 -5.80 9.85
N GLN A 133 -18.26 -5.05 10.96
CA GLN A 133 -19.47 -4.41 11.46
C GLN A 133 -20.01 -3.40 10.46
N GLN A 134 -19.18 -2.56 9.88
CA GLN A 134 -19.63 -1.57 8.89
C GLN A 134 -20.15 -2.22 7.65
N ARG A 135 -19.43 -3.24 7.15
CA ARG A 135 -19.86 -4.03 6.01
C ARG A 135 -21.24 -4.66 6.23
N GLU A 136 -21.50 -5.27 7.39
CA GLU A 136 -22.82 -5.88 7.63
C GLU A 136 -23.93 -4.86 7.78
N ALA A 137 -23.59 -3.62 8.10
CA ALA A 137 -24.55 -2.54 8.28
C ALA A 137 -24.71 -1.76 6.99
N ASN A 138 -24.21 -2.31 5.89
CA ASN A 138 -24.26 -1.74 4.56
C ASN A 138 -23.66 -0.33 4.52
N GLN A 139 -22.57 -0.12 5.23
CA GLN A 139 -21.91 1.18 5.27
C GLN A 139 -20.58 1.14 4.52
N THR A 140 -20.25 0.08 3.78
CA THR A 140 -18.93 0.03 3.13
C THR A 140 -18.64 1.28 2.30
N ALA A 141 -19.55 1.67 1.40
CA ALA A 141 -19.35 2.80 0.53
C ALA A 141 -19.14 4.10 1.28
N LYS A 142 -20.01 4.35 2.25
CA LYS A 142 -19.91 5.55 3.05
C LYS A 142 -18.56 5.60 3.78
N VAL A 143 -18.13 4.49 4.37
CA VAL A 143 -16.87 4.49 5.10
C VAL A 143 -15.69 4.73 4.17
N VAL A 144 -15.54 3.94 3.10
CA VAL A 144 -14.37 4.10 2.25
C VAL A 144 -14.37 5.49 1.60
N LEU A 145 -15.53 6.02 1.21
CA LEU A 145 -15.52 7.36 0.62
C LEU A 145 -15.25 8.41 1.69
N SER A 146 -15.65 8.24 2.96
CA SER A 146 -15.29 9.23 3.96
C SER A 146 -13.79 9.26 4.27
N GLN A 147 -13.19 8.06 4.32
CA GLN A 147 -11.72 8.00 4.53
C GLN A 147 -10.97 8.67 3.39
N THR A 148 -11.43 8.41 2.16
CA THR A 148 -10.76 8.95 0.97
C THR A 148 -10.95 10.45 0.83
N SER A 149 -12.17 10.92 1.12
CA SER A 149 -12.37 12.37 0.93
C SER A 149 -11.67 13.13 2.04
N ALA A 150 -11.44 12.51 3.21
CA ALA A 150 -10.68 13.20 4.25
C ALA A 150 -9.24 13.42 3.79
N ILE A 151 -8.68 12.47 3.05
CA ILE A 151 -7.34 12.65 2.46
C ILE A 151 -7.39 13.67 1.32
N ALA A 152 -8.40 13.53 0.46
CA ALA A 152 -8.51 14.41 -0.70
C ALA A 152 -8.59 15.87 -0.29
N ALA A 153 -9.24 16.18 0.82
CA ALA A 153 -9.40 17.55 1.30
C ALA A 153 -8.09 18.27 1.58
N LYS A 154 -7.01 17.58 1.85
CA LYS A 154 -5.72 18.18 2.13
C LYS A 154 -4.79 18.17 0.93
N LEU A 155 -5.24 17.62 -0.19
CA LEU A 155 -4.37 17.54 -1.35
C LEU A 155 -4.76 18.46 -2.50
N THR A 156 -3.76 18.74 -3.33
CA THR A 156 -3.94 19.53 -4.52
C THR A 156 -4.08 18.51 -5.65
N LYS A 157 -4.61 18.90 -6.80
CA LYS A 157 -4.79 17.96 -7.89
C LYS A 157 -3.50 17.30 -8.32
N ASP A 158 -2.43 18.09 -8.43
CA ASP A 158 -1.12 17.58 -8.83
C ASP A 158 -0.56 16.56 -7.82
N ALA A 159 -0.90 16.61 -6.54
CA ALA A 159 -0.35 15.65 -5.58
C ALA A 159 -0.88 14.23 -5.78
N TRP A 160 -1.98 14.02 -6.51
CA TRP A 160 -2.56 12.72 -6.79
C TRP A 160 -1.65 11.86 -7.63
N ASN A 161 -0.72 12.48 -8.33
CA ASN A 161 0.30 11.76 -9.06
C ASN A 161 1.18 10.95 -8.10
N GLN A 162 1.31 11.32 -6.84
CA GLN A 162 2.16 10.55 -5.92
C GLN A 162 1.40 9.58 -5.01
N VAL A 163 0.10 9.49 -5.15
CA VAL A 163 -0.76 8.70 -4.31
C VAL A 163 -1.16 7.39 -4.97
N VAL A 164 -1.13 6.35 -4.14
CA VAL A 164 -1.59 5.02 -4.50
C VAL A 164 -2.65 4.67 -3.44
N LEU A 165 -3.85 4.22 -3.78
CA LEU A 165 -4.77 3.84 -2.71
C LEU A 165 -4.70 2.32 -2.50
N ALA A 166 -4.84 1.87 -1.27
CA ALA A 166 -4.84 0.41 -1.01
C ALA A 166 -6.11 0.14 -0.22
N TYR A 167 -7.04 -0.56 -0.86
CA TYR A 167 -8.26 -0.95 -0.14
C TYR A 167 -8.03 -2.28 0.54
N GLU A 168 -8.19 -2.32 1.86
CA GLU A 168 -8.03 -3.57 2.58
C GLU A 168 -9.17 -3.68 3.58
N PRO A 169 -10.20 -4.45 3.30
CA PRO A 169 -11.24 -4.65 4.30
C PRO A 169 -10.56 -5.18 5.55
N VAL A 170 -10.90 -4.63 6.71
CA VAL A 170 -10.30 -5.02 7.98
C VAL A 170 -10.53 -6.48 8.29
N TRP A 171 -11.67 -7.03 7.89
CA TRP A 171 -11.98 -8.44 8.11
C TRP A 171 -11.17 -9.39 7.25
N ALA A 172 -10.48 -8.93 6.22
CA ALA A 172 -9.64 -9.78 5.38
C ALA A 172 -8.19 -9.70 5.81
N ILE A 173 -7.84 -8.84 6.76
CA ILE A 173 -6.40 -8.69 7.07
C ILE A 173 -5.90 -9.78 7.99
N GLY A 174 -5.03 -10.65 7.50
CA GLY A 174 -4.43 -11.72 8.26
C GLY A 174 -5.42 -12.79 8.72
N THR A 175 -6.65 -12.81 8.22
CA THR A 175 -7.63 -13.78 8.73
C THR A 175 -7.72 -15.01 7.85
N GLY A 176 -7.20 -14.94 6.62
CA GLY A 176 -7.38 -15.97 5.63
C GLY A 176 -8.70 -15.81 4.87
N LYS A 177 -9.53 -14.83 5.19
CA LYS A 177 -10.81 -14.65 4.48
C LYS A 177 -10.66 -13.51 3.48
N VAL A 178 -10.11 -13.81 2.32
CA VAL A 178 -9.93 -12.85 1.26
C VAL A 178 -11.27 -12.38 0.72
N ALA A 179 -11.33 -11.15 0.22
CA ALA A 179 -12.57 -10.70 -0.43
C ALA A 179 -12.64 -11.42 -1.78
N THR A 180 -13.87 -11.65 -2.28
CA THR A 180 -13.98 -12.22 -3.62
C THR A 180 -13.61 -11.14 -4.63
N PRO A 181 -13.25 -11.55 -5.83
CA PRO A 181 -12.94 -10.63 -6.92
C PRO A 181 -14.11 -9.66 -7.10
N GLU A 182 -15.35 -10.20 -7.07
CA GLU A 182 -16.52 -9.34 -7.19
C GLU A 182 -16.65 -8.36 -6.04
N GLN A 183 -16.44 -8.74 -4.79
CA GLN A 183 -16.53 -7.76 -3.70
C GLN A 183 -15.50 -6.64 -3.87
N ALA A 184 -14.25 -7.04 -4.16
CA ALA A 184 -13.18 -6.06 -4.30
C ALA A 184 -13.44 -5.13 -5.50
N GLN A 185 -13.83 -5.72 -6.64
CA GLN A 185 -14.07 -4.90 -7.83
C GLN A 185 -15.14 -3.85 -7.60
N GLU A 186 -16.22 -4.18 -6.86
CA GLU A 186 -17.26 -3.18 -6.63
C GLU A 186 -16.74 -1.99 -5.84
N VAL A 187 -15.94 -2.25 -4.83
CA VAL A 187 -15.37 -1.11 -4.09
C VAL A 187 -14.38 -0.34 -4.94
N HIS A 188 -13.48 -1.03 -5.67
CA HIS A 188 -12.50 -0.30 -6.48
C HIS A 188 -13.18 0.58 -7.52
N LEU A 189 -14.26 0.08 -8.12
CA LEU A 189 -14.99 0.84 -9.12
C LEU A 189 -15.62 2.08 -8.48
N LEU A 190 -16.21 1.92 -7.31
CA LEU A 190 -16.81 3.05 -6.58
C LEU A 190 -15.79 4.12 -6.25
N LEU A 191 -14.61 3.70 -5.76
CA LEU A 191 -13.52 4.67 -5.52
C LEU A 191 -13.09 5.39 -6.79
N ARG A 192 -12.85 4.63 -7.88
CA ARG A 192 -12.39 5.27 -9.11
C ARG A 192 -13.40 6.32 -9.62
N LYS A 193 -14.68 5.97 -9.58
CA LYS A 193 -15.73 6.92 -10.01
C LYS A 193 -15.73 8.18 -9.15
N TRP A 194 -15.60 8.02 -7.83
CA TRP A 194 -15.56 9.18 -6.93
C TRP A 194 -14.39 10.08 -7.29
N VAL A 195 -13.22 9.48 -7.53
CA VAL A 195 -12.05 10.29 -7.90
C VAL A 195 -12.28 10.97 -9.24
N SER A 196 -12.86 10.23 -10.18
CA SER A 196 -13.15 10.78 -11.49
C SER A 196 -14.07 12.00 -11.39
N GLU A 197 -15.10 11.92 -10.55
CA GLU A 197 -16.02 13.05 -10.40
C GLU A 197 -15.53 14.19 -9.54
N ASN A 198 -14.83 13.87 -8.47
CA ASN A 198 -14.40 14.94 -7.55
C ASN A 198 -13.02 15.48 -7.85
N ILE A 199 -12.13 14.73 -8.46
CA ILE A 199 -10.74 15.16 -8.66
C ILE A 199 -10.50 15.39 -10.15
N GLY A 200 -10.84 14.42 -10.98
CA GLY A 200 -10.63 14.63 -12.43
C GLY A 200 -10.60 13.27 -13.11
N THR A 201 -11.05 13.20 -14.36
CA THR A 201 -11.08 11.96 -15.11
C THR A 201 -9.66 11.53 -15.50
N ASP A 202 -8.77 12.48 -15.70
CA ASP A 202 -7.38 12.20 -16.03
C ASP A 202 -6.68 11.58 -14.81
N VAL A 203 -7.00 12.07 -13.62
CA VAL A 203 -6.45 11.54 -12.38
C VAL A 203 -6.94 10.11 -12.15
N ALA A 204 -8.24 9.88 -12.32
CA ALA A 204 -8.86 8.59 -12.15
C ALA A 204 -8.30 7.54 -13.09
N ALA A 205 -7.98 7.88 -14.33
CA ALA A 205 -7.44 6.95 -15.30
C ALA A 205 -6.06 6.42 -14.92
N LYS A 206 -5.26 7.22 -14.21
CA LYS A 206 -3.91 6.85 -13.87
C LYS A 206 -3.74 6.32 -12.45
N LEU A 207 -4.78 6.45 -11.65
CA LEU A 207 -4.64 6.07 -10.25
C LEU A 207 -4.56 4.56 -10.07
N ARG A 208 -3.58 4.15 -9.26
CA ARG A 208 -3.45 2.75 -8.92
C ARG A 208 -4.26 2.53 -7.65
N ILE A 209 -5.15 1.55 -7.66
CA ILE A 209 -5.89 1.19 -6.47
C ILE A 209 -5.61 -0.30 -6.22
N LEU A 210 -4.93 -0.59 -5.13
CA LEU A 210 -4.53 -1.97 -4.83
C LEU A 210 -5.49 -2.62 -3.86
N TYR A 211 -5.50 -3.95 -3.88
CA TYR A 211 -6.36 -4.71 -2.97
C TYR A 211 -5.39 -5.33 -1.97
N GLY A 212 -5.74 -5.39 -0.70
CA GLY A 212 -4.96 -6.12 0.27
C GLY A 212 -5.86 -6.83 1.27
N GLY A 213 -5.40 -7.94 1.82
CA GLY A 213 -6.14 -8.69 2.81
C GLY A 213 -6.21 -10.16 2.40
N SER A 214 -5.26 -10.95 2.91
CA SER A 214 -5.20 -12.38 2.65
C SER A 214 -4.93 -12.70 1.18
N VAL A 215 -4.21 -11.84 0.47
CA VAL A 215 -3.79 -12.17 -0.89
C VAL A 215 -2.77 -13.32 -0.80
N ASN A 216 -2.84 -14.30 -1.68
CA ASN A 216 -1.79 -15.33 -1.76
C ASN A 216 -1.50 -15.60 -3.22
N ALA A 217 -0.57 -16.51 -3.53
CA ALA A 217 -0.19 -16.73 -4.91
C ALA A 217 -1.32 -17.41 -5.68
N ALA A 218 -2.22 -18.12 -5.04
CA ALA A 218 -3.30 -18.78 -5.78
C ALA A 218 -4.46 -17.83 -6.02
N ASN A 219 -4.81 -16.88 -5.15
CA ASN A 219 -5.99 -16.05 -5.49
C ASN A 219 -5.61 -14.75 -6.18
N ALA A 220 -4.32 -14.40 -6.27
CA ALA A 220 -3.91 -13.18 -6.89
C ALA A 220 -4.32 -13.00 -8.34
N ALA A 221 -4.16 -14.05 -9.15
CA ALA A 221 -4.48 -13.90 -10.59
C ALA A 221 -5.95 -13.59 -10.84
N THR A 222 -6.84 -14.18 -10.07
CA THR A 222 -8.27 -13.95 -10.21
C THR A 222 -8.67 -12.55 -9.79
N LEU A 223 -7.98 -12.02 -8.77
CA LEU A 223 -8.28 -10.62 -8.39
C LEU A 223 -7.80 -9.65 -9.44
N TYR A 224 -6.58 -9.86 -9.92
CA TYR A 224 -5.98 -9.01 -10.92
C TYR A 224 -6.75 -9.00 -12.23
N ALA A 225 -7.52 -10.03 -12.54
CA ALA A 225 -8.33 -10.02 -13.76
C ALA A 225 -9.41 -8.96 -13.72
N LYS A 226 -9.82 -8.39 -12.59
CA LYS A 226 -10.88 -7.38 -12.55
C LYS A 226 -10.34 -6.08 -13.09
N PRO A 227 -11.17 -5.30 -13.79
CA PRO A 227 -10.71 -4.09 -14.43
C PRO A 227 -10.21 -2.96 -13.55
N ASP A 228 -10.65 -2.83 -12.31
CA ASP A 228 -10.22 -1.69 -11.49
C ASP A 228 -9.28 -2.08 -10.37
N ILE A 229 -8.72 -3.28 -10.42
CA ILE A 229 -7.70 -3.73 -9.48
C ILE A 229 -6.32 -3.58 -10.11
N ASN A 230 -5.44 -2.79 -9.46
CA ASN A 230 -4.15 -2.48 -10.07
C ASN A 230 -2.99 -3.15 -9.35
N GLY A 231 -3.29 -4.12 -8.50
CA GLY A 231 -2.13 -4.78 -7.83
C GLY A 231 -2.51 -4.98 -6.36
N PHE A 232 -1.50 -5.30 -5.54
CA PHE A 232 -1.76 -5.76 -4.20
C PHE A 232 -0.84 -5.24 -3.10
N LEU A 233 -1.38 -5.16 -1.90
CA LEU A 233 -0.58 -4.93 -0.70
C LEU A 233 -0.65 -6.26 0.06
N VAL A 234 0.50 -6.90 0.25
CA VAL A 234 0.56 -8.24 0.79
C VAL A 234 1.30 -8.33 2.10
N GLY A 235 0.67 -9.00 3.06
CA GLY A 235 1.27 -9.11 4.38
C GLY A 235 1.96 -10.45 4.54
N GLY A 236 1.25 -11.42 5.11
CA GLY A 236 1.85 -12.73 5.35
C GLY A 236 2.47 -13.46 4.19
N ALA A 237 1.94 -13.36 2.97
CA ALA A 237 2.51 -14.06 1.84
C ALA A 237 3.74 -13.38 1.29
N SER A 238 4.04 -12.15 1.76
CA SER A 238 5.20 -11.44 1.28
C SER A 238 6.45 -11.84 2.07
N LEU A 239 6.29 -12.65 3.11
CA LEU A 239 7.43 -13.14 3.87
C LEU A 239 7.90 -14.48 3.32
N LYS A 240 7.30 -14.93 2.22
CA LYS A 240 7.63 -16.25 1.67
C LYS A 240 7.99 -16.15 0.19
N PRO A 241 8.65 -17.16 -0.34
CA PRO A 241 9.04 -17.19 -1.74
C PRO A 241 7.88 -17.13 -2.71
N GLU A 242 6.63 -17.44 -2.32
CA GLU A 242 5.46 -17.33 -3.22
C GLU A 242 5.14 -15.90 -3.60
N PHE A 243 5.79 -14.89 -2.95
CA PHE A 243 5.66 -13.50 -3.35
C PHE A 243 6.03 -13.37 -4.83
N ARG A 244 6.98 -14.19 -5.31
CA ARG A 244 7.36 -14.20 -6.72
C ARG A 244 6.15 -14.42 -7.62
N ASP A 245 5.30 -15.40 -7.30
CA ASP A 245 4.13 -15.66 -8.15
C ASP A 245 3.01 -14.63 -7.96
N ILE A 246 3.01 -13.91 -6.82
CA ILE A 246 2.07 -12.78 -6.69
C ILE A 246 2.49 -11.68 -7.65
N ILE A 247 3.79 -11.38 -7.70
CA ILE A 247 4.29 -10.39 -8.66
C ILE A 247 3.90 -10.80 -10.07
N ASP A 248 4.10 -12.06 -10.44
CA ASP A 248 3.83 -12.57 -11.78
C ASP A 248 2.36 -12.70 -12.13
N ALA A 249 1.49 -12.55 -11.13
CA ALA A 249 0.05 -12.53 -11.38
C ALA A 249 -0.37 -11.15 -11.86
N THR A 250 0.51 -10.14 -11.89
CA THR A 250 0.08 -8.83 -12.39
C THR A 250 0.42 -8.68 -13.87
N ARG A 251 0.77 -9.74 -14.56
CA ARG A 251 1.08 -9.75 -15.97
C ARG A 251 -0.21 -9.65 -16.79
#